data_1OJH
#
_entry.id   1OJH
#
_cell.length_a   43.176
_cell.length_b   95.918
_cell.length_c   104.835
_cell.angle_alpha   90.00
_cell.angle_beta   97.05
_cell.angle_gamma   90.00
#
_symmetry.space_group_name_H-M   'P 1 21 1'
#
loop_
_entity.id
_entity.type
_entity.pdbx_description
1 polymer NBLA
2 non-polymer 1,2-ETHANEDIOL
3 water water
#
_entity_poly.entity_id   1
_entity_poly.type   'polypeptide(L)'
_entity_poly.pdbx_seq_one_letter_code
;(MSE)NQPIELSLEQQFSIRSFATQVQN(MSE)SHDQAKDFLVKLYEQ(MSE)VVREATYQELLKHQWGLDSGSTPA
;
_entity_poly.pdbx_strand_id   A,B,C,D,E,F,G,H,I,J,K,L
#
# COMPACT_ATOMS: atom_id res chain seq x y z
N ILE A 5 -6.08 48.02 8.54
CA ILE A 5 -5.69 49.45 8.79
C ILE A 5 -4.19 49.59 9.08
N GLU A 6 -3.70 50.82 8.97
CA GLU A 6 -2.35 51.21 9.37
C GLU A 6 -2.29 51.44 10.90
N LEU A 7 -1.50 50.62 11.58
CA LEU A 7 -1.38 50.67 13.03
C LEU A 7 -0.25 51.60 13.41
N SER A 8 -0.44 52.33 14.50
CA SER A 8 0.66 53.12 15.06
C SER A 8 1.76 52.19 15.63
N LEU A 9 2.94 52.75 15.84
CA LEU A 9 4.02 51.94 16.38
C LEU A 9 3.63 51.38 17.76
N GLU A 10 2.94 52.15 18.59
CA GLU A 10 2.56 51.65 19.91
C GLU A 10 1.55 50.50 19.83
N GLN A 11 0.58 50.61 18.94
CA GLN A 11 -0.34 49.53 18.64
C GLN A 11 0.33 48.26 18.12
N GLN A 12 1.34 48.41 17.27
CA GLN A 12 2.12 47.29 16.74
C GLN A 12 2.79 46.56 17.89
N PHE A 13 3.37 47.28 18.83
CA PHE A 13 4.05 46.67 19.94
C PHE A 13 3.04 45.92 20.81
N SER A 14 1.90 46.55 21.13
CA SER A 14 0.87 45.92 22.00
C SER A 14 0.32 44.64 21.42
N ILE A 15 0.04 44.64 20.12
CA ILE A 15 -0.52 43.48 19.45
C ILE A 15 0.51 42.35 19.36
N ARG A 16 1.78 42.68 19.10
CA ARG A 16 2.80 41.65 19.11
C ARG A 16 2.96 41.05 20.52
N SER A 17 2.91 41.88 21.56
CA SER A 17 2.97 41.37 22.92
C SER A 17 1.85 40.35 23.14
N PHE A 18 0.64 40.70 22.71
CA PHE A 18 -0.50 39.83 22.86
C PHE A 18 -0.33 38.56 22.02
N ALA A 19 0.14 38.67 20.77
CA ALA A 19 0.38 37.51 19.89
C ALA A 19 1.31 36.48 20.51
N THR A 20 2.37 36.91 21.21
CA THR A 20 3.27 36.00 21.90
C THR A 20 2.54 35.17 22.95
N GLN A 21 1.68 35.84 23.69
CA GLN A 21 0.94 35.19 24.74
C GLN A 21 -0.06 34.17 24.15
N VAL A 22 -0.73 34.56 23.08
CA VAL A 22 -1.76 33.72 22.45
C VAL A 22 -1.15 32.50 21.80
N GLN A 23 0.01 32.63 21.22
CA GLN A 23 0.49 31.52 20.40
C GLN A 23 0.93 30.38 21.34
N ASN A 24 0.99 30.68 22.64
CA ASN A 24 1.30 29.70 23.67
C ASN A 24 0.09 29.12 24.43
N SER A 26 -3.40 26.77 24.86
CA SER A 26 -4.03 25.56 24.37
C SER A 26 -5.37 25.91 23.70
N HIS A 27 -6.00 24.90 23.11
CA HIS A 27 -7.29 25.04 22.41
C HIS A 27 -8.32 25.60 23.37
N ASP A 28 -8.48 24.95 24.51
CA ASP A 28 -9.49 25.39 25.48
C ASP A 28 -9.16 26.75 26.06
N GLN A 29 -7.88 27.03 26.29
CA GLN A 29 -7.49 28.34 26.83
C GLN A 29 -7.82 29.47 25.88
N ALA A 30 -7.61 29.22 24.60
CA ALA A 30 -7.85 30.21 23.57
C ALA A 30 -9.36 30.46 23.39
N LYS A 31 -10.12 29.40 23.35
CA LYS A 31 -11.58 29.54 23.32
C LYS A 31 -12.14 30.28 24.54
N ASP A 32 -11.70 29.92 25.73
CA ASP A 32 -12.20 30.58 26.95
C ASP A 32 -11.79 32.03 26.98
N PHE A 33 -10.57 32.33 26.54
CA PHE A 33 -10.14 33.71 26.62
C PHE A 33 -10.83 34.57 25.54
N LEU A 34 -11.12 33.98 24.38
CA LEU A 34 -11.88 34.64 23.33
C LEU A 34 -13.27 35.10 23.82
N VAL A 35 -14.00 34.25 24.55
CA VAL A 35 -15.33 34.61 25.03
C VAL A 35 -15.24 35.73 26.06
N LYS A 36 -14.20 35.69 26.89
CA LYS A 36 -13.97 36.72 27.90
C LYS A 36 -13.63 38.09 27.26
N LEU A 37 -12.75 38.05 26.25
CA LEU A 37 -12.34 39.24 25.52
C LEU A 37 -13.49 39.88 24.77
N TYR A 38 -14.35 39.08 24.16
CA TYR A 38 -15.47 39.61 23.40
C TYR A 38 -16.41 40.26 24.39
N GLU A 39 -16.70 39.64 25.54
CA GLU A 39 -17.51 40.27 26.57
C GLU A 39 -16.90 41.62 27.03
N GLN A 40 -15.60 41.66 27.16
CA GLN A 40 -14.90 42.86 27.64
C GLN A 40 -15.01 43.95 26.59
N VAL A 42 -17.61 44.34 24.50
CA VAL A 42 -18.98 44.82 24.56
C VAL A 42 -19.16 45.78 25.74
N VAL A 43 -18.63 45.39 26.90
CA VAL A 43 -18.67 46.22 28.11
C VAL A 43 -17.96 47.57 27.89
N ARG A 44 -16.78 47.55 27.28
CA ARG A 44 -16.07 48.79 26.95
C ARG A 44 -16.86 49.69 26.03
N GLU A 45 -17.48 49.09 25.04
CA GLU A 45 -18.33 49.80 24.11
C GLU A 45 -19.51 50.50 24.82
N ALA A 46 -20.12 49.80 25.76
CA ALA A 46 -21.22 50.33 26.55
C ALA A 46 -20.71 51.51 27.40
N THR A 47 -19.50 51.37 27.92
CA THR A 47 -18.90 52.38 28.78
C THR A 47 -18.62 53.67 27.98
N TYR A 48 -18.07 53.51 26.78
CA TYR A 48 -17.78 54.63 25.89
C TYR A 48 -19.01 55.37 25.48
N GLN A 49 -20.08 54.62 25.27
CA GLN A 49 -21.34 55.22 24.85
C GLN A 49 -21.84 56.08 25.99
N GLU A 50 -21.62 55.61 27.21
CA GLU A 50 -22.02 56.39 28.42
C GLU A 50 -21.22 57.67 28.59
N LEU A 51 -19.91 57.61 28.31
CA LEU A 51 -19.03 58.75 28.41
C LEU A 51 -19.40 59.81 27.39
N LEU A 52 -19.75 59.39 26.17
CA LEU A 52 -20.09 60.33 25.11
C LEU A 52 -21.36 61.09 25.48
N LYS A 53 -22.36 60.35 25.95
CA LYS A 53 -23.64 60.91 26.39
C LYS A 53 -23.44 61.95 27.51
N HIS A 54 -22.53 61.69 28.43
CA HIS A 54 -22.26 62.59 29.57
C HIS A 54 -21.35 63.79 29.23
N GLN A 55 -20.99 63.95 27.98
CA GLN A 55 -20.49 65.22 27.47
C GLN A 55 -21.66 66.02 26.88
N TRP A 56 -22.32 65.46 25.86
CA TRP A 56 -23.35 66.15 25.08
C TRP A 56 -24.72 66.12 25.73
N ILE B 5 -22.20 49.87 32.57
CA ILE B 5 -21.97 48.56 33.25
C ILE B 5 -23.16 47.63 33.05
N GLU B 6 -24.37 48.19 32.91
CA GLU B 6 -25.55 47.38 32.61
C GLU B 6 -25.67 47.14 31.10
N LEU B 7 -25.68 45.87 30.71
CA LEU B 7 -25.79 45.49 29.30
C LEU B 7 -27.25 45.32 28.89
N SER B 8 -27.57 45.61 27.64
CA SER B 8 -28.91 45.40 27.12
C SER B 8 -29.09 43.93 26.81
N LEU B 9 -30.34 43.53 26.58
CA LEU B 9 -30.63 42.15 26.23
C LEU B 9 -29.95 41.78 24.92
N GLU B 10 -29.92 42.71 23.98
CA GLU B 10 -29.29 42.52 22.67
C GLU B 10 -27.79 42.29 22.79
N GLN B 11 -27.11 43.13 23.59
CA GLN B 11 -25.68 42.93 23.95
C GLN B 11 -25.44 41.55 24.56
N GLN B 12 -26.32 41.12 25.47
CA GLN B 12 -26.17 39.84 26.14
C GLN B 12 -26.41 38.69 25.16
N PHE B 13 -27.42 38.81 24.29
CA PHE B 13 -27.65 37.86 23.20
C PHE B 13 -26.41 37.76 22.32
N SER B 14 -25.74 38.87 22.00
CA SER B 14 -24.60 38.86 21.08
C SER B 14 -23.45 38.04 21.69
N ILE B 15 -23.23 38.18 23.00
CA ILE B 15 -22.14 37.51 23.72
C ILE B 15 -22.42 36.03 23.81
N ARG B 16 -23.61 35.69 24.26
CA ARG B 16 -24.04 34.29 24.32
C ARG B 16 -23.98 33.61 22.94
N SER B 17 -24.39 34.29 21.86
CA SER B 17 -24.32 33.73 20.51
C SER B 17 -22.87 33.55 20.02
N PHE B 18 -22.04 34.58 20.15
CA PHE B 18 -20.60 34.45 19.97
C PHE B 18 -20.00 33.25 20.68
N ALA B 19 -20.33 33.05 21.95
CA ALA B 19 -19.77 31.93 22.72
C ALA B 19 -20.14 30.59 22.09
N THR B 20 -21.35 30.45 21.58
CA THR B 20 -21.73 29.17 20.94
C THR B 20 -20.94 28.94 19.66
N GLN B 21 -20.67 29.97 18.86
CA GLN B 21 -19.84 29.81 17.66
C GLN B 21 -18.35 29.56 17.97
N VAL B 22 -17.86 30.08 19.10
CA VAL B 22 -16.49 29.85 19.52
C VAL B 22 -16.26 28.37 19.81
N GLN B 23 -17.27 27.69 20.34
CA GLN B 23 -17.13 26.27 20.64
C GLN B 23 -16.96 25.36 19.42
N ASN B 24 -17.34 25.84 18.22
CA ASN B 24 -17.05 25.14 16.96
C ASN B 24 -15.68 25.43 16.32
N SER B 26 -11.66 25.55 15.68
CA SER B 26 -10.46 24.74 15.90
C SER B 26 -9.49 25.55 16.76
N HIS B 27 -8.39 24.92 17.11
CA HIS B 27 -7.32 25.61 17.84
C HIS B 27 -6.76 26.76 17.01
N ASP B 28 -6.38 26.47 15.76
CA ASP B 28 -5.88 27.51 14.87
C ASP B 28 -6.87 28.66 14.64
N GLN B 29 -8.14 28.37 14.42
CA GLN B 29 -9.15 29.43 14.26
C GLN B 29 -9.33 30.35 15.48
N ALA B 30 -9.33 29.76 16.68
CA ALA B 30 -9.52 30.51 17.90
C ALA B 30 -8.35 31.44 18.14
N LYS B 31 -7.14 30.95 17.85
CA LYS B 31 -5.95 31.77 17.97
C LYS B 31 -5.90 32.94 16.97
N ASP B 32 -6.19 32.69 15.70
CA ASP B 32 -6.24 33.76 14.70
C ASP B 32 -7.32 34.79 15.02
N PHE B 33 -8.51 34.33 15.41
CA PHE B 33 -9.59 35.19 15.84
C PHE B 33 -9.20 36.03 17.04
N LEU B 34 -8.53 35.46 18.06
CA LEU B 34 -8.07 36.25 19.21
C LEU B 34 -7.22 37.42 18.87
N VAL B 35 -6.21 37.21 18.02
CA VAL B 35 -5.29 38.26 17.67
C VAL B 35 -6.02 39.31 16.83
N LYS B 36 -6.94 38.90 15.97
CA LYS B 36 -7.67 39.83 15.13
C LYS B 36 -8.61 40.65 15.97
N LEU B 37 -9.27 40.04 16.96
CA LEU B 37 -10.23 40.75 17.83
C LEU B 37 -9.50 41.75 18.70
N TYR B 38 -8.34 41.38 19.25
CA TYR B 38 -7.54 42.31 20.02
C TYR B 38 -7.14 43.52 19.19
N GLU B 39 -6.68 43.31 17.96
CA GLU B 39 -6.35 44.39 17.08
C GLU B 39 -7.59 45.32 16.85
N GLN B 40 -8.76 44.74 16.58
CA GLN B 40 -9.98 45.54 16.38
C GLN B 40 -10.25 46.39 17.61
N VAL B 42 -8.07 47.50 19.97
CA VAL B 42 -7.12 48.54 20.18
C VAL B 42 -7.39 49.71 19.23
N VAL B 43 -7.73 49.42 17.99
CA VAL B 43 -8.08 50.48 17.00
C VAL B 43 -9.38 51.23 17.39
N ARG B 44 -10.38 50.48 17.83
CA ARG B 44 -11.65 51.03 18.23
C ARG B 44 -11.56 51.89 19.47
N GLU B 45 -10.72 51.50 20.41
CA GLU B 45 -10.49 52.29 21.62
C GLU B 45 -9.86 53.62 21.26
N ALA B 46 -8.90 53.62 20.34
CA ALA B 46 -8.24 54.84 19.86
C ALA B 46 -9.23 55.77 19.18
N THR B 47 -10.15 55.20 18.42
CA THR B 47 -11.23 55.97 17.78
C THR B 47 -12.15 56.68 18.77
N TYR B 48 -12.66 55.94 19.74
CA TYR B 48 -13.44 56.52 20.84
C TYR B 48 -12.66 57.59 21.59
N GLN B 49 -11.37 57.38 21.88
CA GLN B 49 -10.59 58.35 22.65
C GLN B 49 -10.48 59.65 21.89
N GLU B 50 -10.31 59.56 20.59
CA GLU B 50 -10.27 60.74 19.72
C GLU B 50 -11.57 61.51 19.68
N LEU B 51 -12.67 60.81 19.51
CA LEU B 51 -13.99 61.39 19.57
C LEU B 51 -14.18 62.16 20.89
N LEU B 52 -13.82 61.55 21.99
CA LEU B 52 -13.96 62.14 23.31
C LEU B 52 -13.12 63.38 23.57
N LYS B 53 -11.92 63.44 23.00
CA LYS B 53 -10.94 64.50 23.30
C LYS B 53 -11.19 65.77 22.49
N HIS B 54 -11.56 65.57 21.22
CA HIS B 54 -11.85 66.62 20.24
C HIS B 54 -12.37 67.97 20.77
N GLU C 6 -2.64 17.53 -24.40
CA GLU C 6 -2.65 16.04 -24.63
C GLU C 6 -1.24 15.41 -24.79
N LEU C 7 -1.14 14.18 -24.32
CA LEU C 7 0.14 13.48 -24.19
C LEU C 7 0.41 12.64 -25.44
N SER C 8 1.64 12.71 -25.92
CA SER C 8 2.09 11.88 -27.03
C SER C 8 2.06 10.38 -26.67
N LEU C 9 2.12 9.53 -27.68
CA LEU C 9 2.30 8.11 -27.45
C LEU C 9 3.53 7.89 -26.57
N GLU C 10 4.62 8.61 -26.84
CA GLU C 10 5.84 8.49 -26.06
C GLU C 10 5.60 8.81 -24.59
N GLN C 11 4.87 9.89 -24.37
CA GLN C 11 4.53 10.28 -23.01
C GLN C 11 3.64 9.23 -22.31
N GLN C 12 2.62 8.71 -22.99
CA GLN C 12 1.78 7.60 -22.48
C GLN C 12 2.64 6.40 -22.13
N PHE C 13 3.58 6.02 -23.00
CA PHE C 13 4.37 4.82 -22.72
C PHE C 13 5.48 5.08 -21.69
N SER C 14 5.89 6.33 -21.55
CA SER C 14 6.81 6.68 -20.46
C SER C 14 6.13 6.46 -19.11
N ILE C 15 4.89 6.91 -18.98
CA ILE C 15 4.13 6.67 -17.76
C ILE C 15 3.96 5.16 -17.49
N ARG C 16 3.64 4.40 -18.53
CA ARG C 16 3.48 2.96 -18.36
C ARG C 16 4.81 2.29 -17.93
N SER C 17 5.91 2.67 -18.56
CA SER C 17 7.21 2.09 -18.21
C SER C 17 7.57 2.44 -16.78
N PHE C 18 7.37 3.70 -16.40
CA PHE C 18 7.63 4.13 -15.02
C PHE C 18 6.87 3.29 -14.04
N ALA C 19 5.60 3.00 -14.34
CA ALA C 19 4.79 2.23 -13.45
C ALA C 19 5.36 0.81 -13.25
N THR C 20 5.92 0.17 -14.28
CA THR C 20 6.55 -1.14 -14.10
C THR C 20 7.69 -1.06 -13.11
N GLN C 21 8.45 0.02 -13.19
CA GLN C 21 9.62 0.21 -12.35
C GLN C 21 9.18 0.45 -10.90
N VAL C 22 8.17 1.30 -10.70
CA VAL C 22 7.64 1.54 -9.35
C VAL C 22 7.06 0.24 -8.75
N GLN C 23 6.37 -0.56 -9.55
CA GLN C 23 5.75 -1.82 -9.05
C GLN C 23 6.83 -2.72 -8.46
N ASN C 24 8.01 -2.70 -9.07
CA ASN C 24 9.10 -3.61 -8.72
C ASN C 24 9.99 -3.11 -7.59
N SER C 26 11.15 -1.91 -3.78
CA SER C 26 10.90 -2.14 -2.36
C SER C 26 10.48 -0.85 -1.70
N HIS C 27 10.08 -0.96 -0.43
CA HIS C 27 9.72 0.22 0.36
C HIS C 27 10.85 1.24 0.42
N ASP C 28 12.06 0.81 0.79
CA ASP C 28 13.20 1.73 0.91
C ASP C 28 13.54 2.36 -0.43
N GLN C 29 13.48 1.57 -1.51
CA GLN C 29 13.77 2.09 -2.83
C GLN C 29 12.79 3.16 -3.27
N ALA C 30 11.50 2.97 -2.99
CA ALA C 30 10.46 3.94 -3.36
C ALA C 30 10.64 5.26 -2.62
N LYS C 31 11.00 5.23 -1.34
CA LYS C 31 11.24 6.47 -0.58
C LYS C 31 12.46 7.25 -1.06
N ASP C 32 13.56 6.56 -1.27
CA ASP C 32 14.76 7.22 -1.82
C ASP C 32 14.52 7.81 -3.22
N PHE C 33 13.84 7.07 -4.08
CA PHE C 33 13.60 7.51 -5.44
C PHE C 33 12.67 8.73 -5.43
N LEU C 34 11.69 8.75 -4.53
CA LEU C 34 10.75 9.86 -4.49
C LEU C 34 11.43 11.22 -4.26
N VAL C 35 12.39 11.28 -3.33
CA VAL C 35 13.13 12.53 -3.08
C VAL C 35 13.95 12.91 -4.33
N LYS C 36 14.56 11.89 -4.93
CA LYS C 36 15.26 12.14 -6.22
C LYS C 36 14.33 12.60 -7.35
N LEU C 37 13.12 12.06 -7.38
CA LEU C 37 12.19 12.41 -8.44
C LEU C 37 11.76 13.87 -8.27
N TYR C 38 11.48 14.26 -7.04
CA TYR C 38 11.10 15.64 -6.74
C TYR C 38 12.23 16.61 -7.15
N GLU C 39 13.48 16.26 -6.84
CA GLU C 39 14.61 17.04 -7.32
C GLU C 39 14.63 17.20 -8.83
N GLN C 40 14.39 16.10 -9.57
CA GLN C 40 14.35 16.18 -11.03
C GLN C 40 13.19 17.03 -11.51
N VAL C 42 12.10 19.67 -10.12
CA VAL C 42 12.44 21.06 -9.90
C VAL C 42 13.49 21.47 -10.97
N VAL C 43 14.44 20.59 -11.19
CA VAL C 43 15.47 20.77 -12.23
C VAL C 43 14.83 21.00 -13.62
N ARG C 44 13.88 20.14 -13.98
CA ARG C 44 13.22 20.27 -15.27
C ARG C 44 12.36 21.53 -15.33
N GLU C 45 11.71 21.92 -14.24
CA GLU C 45 10.91 23.14 -14.24
C GLU C 45 11.81 24.32 -14.51
N ALA C 46 12.95 24.39 -13.80
CA ALA C 46 13.93 25.47 -13.98
C ALA C 46 14.48 25.45 -15.39
N THR C 47 14.64 24.27 -15.97
CA THR C 47 15.09 24.16 -17.35
C THR C 47 14.13 24.73 -18.39
N TYR C 48 12.85 24.40 -18.24
CA TYR C 48 11.88 24.90 -19.17
C TYR C 48 11.68 26.39 -19.06
N GLN C 49 11.72 26.89 -17.84
CA GLN C 49 11.60 28.31 -17.61
C GLN C 49 12.74 29.09 -18.25
N GLU C 50 13.92 28.50 -18.21
CA GLU C 50 15.06 29.09 -18.85
C GLU C 50 14.83 29.13 -20.37
N LEU C 51 14.34 28.05 -20.93
CA LEU C 51 14.12 27.93 -22.37
C LEU C 51 13.01 28.91 -22.83
N LEU C 52 12.08 29.27 -21.95
CA LEU C 52 11.06 30.27 -22.35
C LEU C 52 11.73 31.62 -22.61
N LYS C 53 12.88 31.88 -21.96
CA LYS C 53 13.61 33.14 -22.18
C LYS C 53 14.23 33.24 -23.54
N HIS C 54 14.43 32.13 -24.22
CA HIS C 54 15.18 32.09 -25.47
C HIS C 54 14.37 31.94 -26.74
N GLN C 55 13.09 32.32 -26.70
CA GLN C 55 12.23 32.07 -27.83
C GLN C 55 12.46 33.01 -29.02
N TRP C 56 13.22 34.07 -28.82
CA TRP C 56 13.44 35.09 -29.86
C TRP C 56 14.89 35.01 -30.35
N GLY C 57 15.41 33.78 -30.46
CA GLY C 57 16.83 33.50 -30.51
C GLY C 57 17.63 34.35 -31.48
N LEU C 58 17.41 34.16 -32.77
CA LEU C 58 18.19 34.77 -33.86
C LEU C 58 19.63 34.23 -33.89
N ASN D 2 24.16 29.03 -21.56
CA ASN D 2 25.57 29.13 -21.10
C ASN D 2 25.99 27.90 -20.30
N GLN D 3 25.30 27.68 -19.18
CA GLN D 3 25.52 26.51 -18.33
C GLN D 3 24.17 25.88 -17.90
N PRO D 4 24.19 24.67 -17.34
CA PRO D 4 22.98 24.11 -16.73
C PRO D 4 22.47 24.98 -15.58
N ILE D 5 21.16 24.95 -15.40
CA ILE D 5 20.55 25.64 -14.26
C ILE D 5 21.11 25.10 -12.94
N GLU D 6 21.19 26.01 -11.98
CA GLU D 6 21.56 25.69 -10.61
C GLU D 6 20.33 25.99 -9.75
N LEU D 7 20.03 25.12 -8.81
CA LEU D 7 18.83 25.27 -8.02
C LEU D 7 19.00 26.46 -7.09
N SER D 8 17.96 27.26 -6.93
CA SER D 8 17.98 28.40 -6.02
C SER D 8 17.88 27.90 -4.59
N LEU D 9 18.18 28.78 -3.65
CA LEU D 9 18.09 28.37 -2.26
C LEU D 9 16.70 27.91 -1.88
N GLU D 10 15.68 28.65 -2.33
CA GLU D 10 14.29 28.27 -2.06
C GLU D 10 14.04 26.86 -2.67
N GLN D 11 14.61 26.59 -3.83
CA GLN D 11 14.48 25.27 -4.46
C GLN D 11 15.19 24.18 -3.67
N GLN D 12 16.39 24.46 -3.19
CA GLN D 12 17.12 23.46 -2.45
C GLN D 12 16.44 23.18 -1.12
N PHE D 13 15.99 24.23 -0.44
CA PHE D 13 15.21 24.05 0.77
C PHE D 13 13.92 23.25 0.51
N SER D 14 13.26 23.45 -0.62
CA SER D 14 11.98 22.78 -0.90
C SER D 14 12.22 21.27 -1.03
N ILE D 15 13.34 20.91 -1.66
CA ILE D 15 13.67 19.49 -1.87
C ILE D 15 14.00 18.85 -0.53
N ARG D 16 14.75 19.54 0.32
CA ARG D 16 15.09 18.96 1.63
C ARG D 16 13.85 18.89 2.55
N SER D 17 12.93 19.85 2.45
CA SER D 17 11.69 19.82 3.24
C SER D 17 10.84 18.65 2.81
N PHE D 18 10.77 18.42 1.51
CA PHE D 18 10.02 17.30 0.93
C PHE D 18 10.57 15.99 1.45
N ALA D 19 11.89 15.87 1.55
CA ALA D 19 12.51 14.64 2.05
C ALA D 19 12.15 14.29 3.49
N THR D 20 11.93 15.31 4.33
CA THR D 20 11.41 15.13 5.69
C THR D 20 10.02 14.52 5.70
N GLN D 21 9.15 14.93 4.77
CA GLN D 21 7.82 14.31 4.60
C GLN D 21 7.85 12.86 4.11
N VAL D 22 8.78 12.54 3.21
CA VAL D 22 8.84 11.22 2.59
C VAL D 22 9.24 10.14 3.61
N GLN D 23 10.06 10.52 4.60
CA GLN D 23 10.58 9.60 5.60
C GLN D 23 9.43 8.89 6.36
N ASN D 24 8.32 9.60 6.54
CA ASN D 24 7.17 9.04 7.25
C ASN D 24 6.38 8.00 6.46
N SER D 26 4.40 5.25 4.18
CA SER D 26 4.38 3.81 4.03
C SER D 26 4.69 3.47 2.56
N HIS D 27 4.99 2.20 2.32
CA HIS D 27 5.10 1.60 0.99
C HIS D 27 4.06 2.09 0.01
N ASP D 28 2.79 1.89 0.31
CA ASP D 28 1.72 2.25 -0.63
C ASP D 28 1.61 3.73 -0.86
N GLN D 29 1.85 4.54 0.16
CA GLN D 29 1.84 5.99 0.04
C GLN D 29 2.98 6.49 -0.86
N ALA D 30 4.18 5.97 -0.67
CA ALA D 30 5.32 6.35 -1.47
C ALA D 30 5.08 6.03 -2.93
N LYS D 31 4.54 4.84 -3.19
CA LYS D 31 4.33 4.37 -4.55
C LYS D 31 3.22 5.15 -5.27
N ASP D 32 2.15 5.46 -4.56
CA ASP D 32 1.08 6.28 -5.11
C ASP D 32 1.58 7.70 -5.37
N PHE D 33 2.40 8.26 -4.48
CA PHE D 33 3.00 9.58 -4.70
C PHE D 33 3.95 9.57 -5.89
N LEU D 34 4.74 8.50 -6.08
CA LEU D 34 5.65 8.43 -7.24
C LEU D 34 4.87 8.51 -8.55
N VAL D 35 3.80 7.73 -8.64
CA VAL D 35 2.99 7.70 -9.85
C VAL D 35 2.31 9.04 -10.14
N LYS D 36 1.72 9.65 -9.11
CA LYS D 36 1.01 10.93 -9.24
C LYS D 36 1.97 12.04 -9.59
N LEU D 37 3.15 12.05 -8.99
CA LEU D 37 4.17 13.04 -9.29
C LEU D 37 4.71 12.92 -10.71
N TYR D 38 4.99 11.71 -11.15
CA TYR D 38 5.50 11.54 -12.49
C TYR D 38 4.47 11.98 -13.53
N GLU D 39 3.20 11.67 -13.29
CA GLU D 39 2.16 12.07 -14.21
C GLU D 39 2.10 13.60 -14.34
N GLN D 40 2.20 14.28 -13.22
CA GLN D 40 2.22 15.74 -13.21
C GLN D 40 3.44 16.28 -13.96
N VAL D 42 5.07 14.77 -16.46
CA VAL D 42 4.88 14.54 -17.88
C VAL D 42 3.92 15.55 -18.49
N VAL D 43 2.81 15.79 -17.81
CA VAL D 43 1.84 16.79 -18.24
C VAL D 43 2.45 18.20 -18.34
N ARG D 44 3.26 18.58 -17.36
CA ARG D 44 3.89 19.88 -17.34
C ARG D 44 4.90 19.97 -18.49
N GLU D 45 5.66 18.91 -18.71
CA GLU D 45 6.62 18.90 -19.78
C GLU D 45 5.89 19.08 -21.13
N ALA D 46 4.75 18.40 -21.28
CA ALA D 46 3.97 18.50 -22.51
C ALA D 46 3.50 19.91 -22.71
N THR D 47 3.18 20.62 -21.62
CA THR D 47 2.69 21.97 -21.70
C THR D 47 3.77 22.92 -22.15
N TYR D 48 4.96 22.83 -21.56
CA TYR D 48 6.07 23.69 -21.91
C TYR D 48 6.51 23.39 -23.35
N GLN D 49 6.48 22.13 -23.73
CA GLN D 49 6.83 21.79 -25.09
C GLN D 49 5.88 22.44 -26.07
N GLU D 50 4.59 22.50 -25.74
CA GLU D 50 3.61 23.12 -26.60
C GLU D 50 3.85 24.62 -26.73
N LEU D 51 4.07 25.29 -25.61
CA LEU D 51 4.42 26.71 -25.64
C LEU D 51 5.66 26.97 -26.50
N LEU D 52 6.63 26.08 -26.42
CA LEU D 52 7.90 26.30 -27.09
C LEU D 52 7.90 25.99 -28.60
N LYS D 53 6.83 25.40 -29.11
CA LYS D 53 6.67 25.17 -30.54
C LYS D 53 6.26 26.44 -31.26
N HIS D 54 5.73 27.43 -30.53
CA HIS D 54 5.28 28.66 -31.16
C HIS D 54 6.43 29.37 -31.89
N GLN D 55 6.19 29.76 -33.15
CA GLN D 55 7.16 30.53 -33.91
C GLN D 55 6.72 32.01 -33.91
N TRP D 56 7.59 32.86 -33.37
CA TRP D 56 7.23 34.21 -32.98
C TRP D 56 7.37 35.22 -34.12
N GLY D 57 6.26 35.88 -34.46
CA GLY D 57 6.21 36.78 -35.61
C GLY D 57 5.67 36.09 -36.85
N ILE E 5 24.47 -41.38 -13.98
CA ILE E 5 25.05 -42.05 -15.18
C ILE E 5 24.95 -41.10 -16.38
N GLU E 6 26.05 -40.95 -17.13
CA GLU E 6 25.99 -40.25 -18.40
C GLU E 6 25.07 -41.05 -19.35
N LEU E 7 24.21 -40.36 -20.09
CA LEU E 7 23.32 -41.00 -21.08
C LEU E 7 24.14 -41.52 -22.26
N SER E 8 23.67 -42.57 -22.90
CA SER E 8 24.28 -43.05 -24.14
C SER E 8 24.12 -42.06 -25.28
N LEU E 9 24.94 -42.19 -26.32
CA LEU E 9 24.85 -41.30 -27.48
C LEU E 9 23.46 -41.35 -28.14
N GLU E 10 22.85 -42.53 -28.13
CA GLU E 10 21.53 -42.72 -28.72
C GLU E 10 20.44 -42.08 -27.86
N GLN E 11 20.58 -42.12 -26.55
CA GLN E 11 19.67 -41.42 -25.65
C GLN E 11 19.85 -39.91 -25.81
N GLN E 12 21.08 -39.43 -25.95
CA GLN E 12 21.36 -38.02 -26.16
C GLN E 12 20.71 -37.57 -27.48
N PHE E 13 20.80 -38.40 -28.53
CA PHE E 13 20.25 -38.05 -29.84
C PHE E 13 18.73 -37.95 -29.80
N SER E 14 18.08 -38.90 -29.12
CA SER E 14 16.66 -38.87 -28.90
C SER E 14 16.18 -37.67 -28.09
N ILE E 15 16.91 -37.24 -27.06
CA ILE E 15 16.55 -36.04 -26.32
C ILE E 15 16.75 -34.79 -27.18
N ARG E 16 17.86 -34.69 -27.91
CA ARG E 16 18.13 -33.53 -28.76
C ARG E 16 17.07 -33.45 -29.89
N SER E 17 16.68 -34.59 -30.45
CA SER E 17 15.58 -34.61 -31.43
C SER E 17 14.23 -34.16 -30.87
N PHE E 18 13.91 -34.64 -29.68
CA PHE E 18 12.70 -34.18 -29.01
C PHE E 18 12.76 -32.69 -28.71
N ALA E 19 13.92 -32.19 -28.30
CA ALA E 19 14.03 -30.77 -28.05
C ALA E 19 13.74 -29.91 -29.30
N THR E 20 14.15 -30.40 -30.46
CA THR E 20 13.87 -29.72 -31.72
C THR E 20 12.37 -29.71 -31.98
N GLN E 21 11.72 -30.84 -31.75
CA GLN E 21 10.26 -30.91 -31.89
C GLN E 21 9.55 -29.88 -30.97
N VAL E 22 9.99 -29.79 -29.71
CA VAL E 22 9.38 -28.86 -28.74
C VAL E 22 9.61 -27.43 -29.16
N GLN E 23 10.80 -27.12 -29.64
CA GLN E 23 11.06 -25.80 -30.19
C GLN E 23 10.07 -25.41 -31.27
N ASN E 24 9.71 -26.35 -32.16
CA ASN E 24 8.78 -26.09 -33.26
C ASN E 24 7.32 -26.13 -32.86
N SER E 26 3.94 -24.74 -30.88
CA SER E 26 3.38 -23.49 -30.36
C SER E 26 3.27 -23.67 -28.84
N HIS E 27 3.07 -22.59 -28.10
CA HIS E 27 2.85 -22.64 -26.66
C HIS E 27 1.67 -23.58 -26.33
N ASP E 28 0.56 -23.41 -27.02
CA ASP E 28 -0.64 -24.26 -26.81
C ASP E 28 -0.36 -25.73 -27.09
N GLN E 29 0.32 -26.01 -28.18
CA GLN E 29 0.74 -27.37 -28.47
C GLN E 29 1.66 -27.96 -27.41
N ALA E 30 2.62 -27.20 -26.89
CA ALA E 30 3.53 -27.63 -25.87
C ALA E 30 2.80 -27.93 -24.58
N LYS E 31 1.86 -27.05 -24.20
CA LYS E 31 1.05 -27.33 -23.00
C LYS E 31 0.24 -28.60 -23.10
N ASP E 32 -0.44 -28.78 -24.22
CA ASP E 32 -1.21 -30.01 -24.44
C ASP E 32 -0.33 -31.27 -24.39
N PHE E 33 0.84 -31.23 -25.04
CA PHE E 33 1.75 -32.34 -25.07
C PHE E 33 2.28 -32.65 -23.64
N LEU E 34 2.64 -31.60 -22.90
CA LEU E 34 3.18 -31.78 -21.57
C LEU E 34 2.18 -32.46 -20.65
N VAL E 35 0.90 -32.08 -20.72
CA VAL E 35 -0.11 -32.70 -19.87
C VAL E 35 -0.24 -34.20 -20.18
N LYS E 36 -0.25 -34.51 -21.47
CA LYS E 36 -0.29 -35.90 -21.92
C LYS E 36 0.95 -36.73 -21.57
N LEU E 37 2.11 -36.14 -21.72
CA LEU E 37 3.36 -36.80 -21.35
C LEU E 37 3.41 -37.08 -19.84
N TYR E 38 3.03 -36.12 -19.01
CA TYR E 38 2.94 -36.31 -17.58
C TYR E 38 2.00 -37.48 -17.21
N GLU E 39 0.81 -37.51 -17.79
CA GLU E 39 -0.11 -38.62 -17.62
C GLU E 39 0.54 -39.97 -17.97
N GLN E 40 1.20 -40.01 -19.11
CA GLN E 40 1.90 -41.22 -19.52
C GLN E 40 2.95 -41.62 -18.47
N VAL E 42 2.96 -40.97 -15.22
CA VAL E 42 2.31 -41.47 -14.01
C VAL E 42 1.82 -42.90 -14.21
N VAL E 43 1.22 -43.15 -15.35
CA VAL E 43 0.71 -44.48 -15.67
C VAL E 43 1.88 -45.48 -15.77
N ARG E 44 2.97 -45.09 -16.42
CA ARG E 44 4.10 -45.96 -16.55
C ARG E 44 4.68 -46.31 -15.19
N GLU E 45 4.85 -45.30 -14.36
CA GLU E 45 5.37 -45.52 -13.02
C GLU E 45 4.50 -46.45 -12.22
N ALA E 46 3.19 -46.32 -12.33
CA ALA E 46 2.26 -47.19 -11.66
C ALA E 46 2.36 -48.63 -12.17
N THR E 47 2.55 -48.80 -13.48
CA THR E 47 2.68 -50.09 -14.12
C THR E 47 3.96 -50.80 -13.65
N TYR E 48 5.07 -50.07 -13.60
CA TYR E 48 6.31 -50.61 -13.07
C TYR E 48 6.11 -51.07 -11.64
N GLN E 49 5.43 -50.28 -10.80
CA GLN E 49 5.26 -50.67 -9.39
C GLN E 49 4.48 -51.96 -9.29
N GLU E 50 3.51 -52.15 -10.18
CA GLU E 50 2.67 -53.33 -10.20
C GLU E 50 3.47 -54.56 -10.69
N LEU E 51 4.31 -54.37 -11.70
CA LEU E 51 5.16 -55.44 -12.21
C LEU E 51 6.26 -55.87 -11.22
N LEU E 52 6.64 -54.97 -10.30
CA LEU E 52 7.61 -55.28 -9.25
C LEU E 52 7.03 -56.25 -8.23
N LYS E 53 5.73 -56.15 -7.95
CA LYS E 53 5.03 -57.13 -7.11
C LYS E 53 5.04 -58.53 -7.73
N HIS E 54 4.39 -58.67 -8.87
CA HIS E 54 4.28 -59.95 -9.57
C HIS E 54 5.55 -60.26 -10.35
N ILE F 5 -2.00 -49.78 -14.02
CA ILE F 5 -3.21 -49.49 -14.85
C ILE F 5 -4.49 -49.15 -14.05
N GLU F 6 -4.52 -49.40 -12.74
CA GLU F 6 -5.49 -48.76 -11.82
C GLU F 6 -4.78 -47.71 -10.94
N LEU F 7 -5.13 -46.43 -11.11
CA LEU F 7 -4.44 -45.35 -10.41
C LEU F 7 -5.07 -45.02 -9.06
N SER F 8 -4.27 -44.69 -8.07
CA SER F 8 -4.71 -44.27 -6.73
C SER F 8 -5.39 -42.91 -6.80
N LEU F 9 -6.09 -42.54 -5.74
CA LEU F 9 -6.83 -41.29 -5.69
C LEU F 9 -5.84 -40.17 -5.87
N GLU F 10 -4.70 -40.30 -5.20
CA GLU F 10 -3.61 -39.34 -5.28
C GLU F 10 -3.14 -39.21 -6.73
N GLN F 11 -2.95 -40.32 -7.44
CA GLN F 11 -2.31 -40.30 -8.79
C GLN F 11 -3.32 -39.67 -9.77
N GLN F 12 -4.59 -40.04 -9.65
CA GLN F 12 -5.57 -39.45 -10.56
C GLN F 12 -5.67 -37.92 -10.39
N PHE F 13 -5.67 -37.47 -9.15
CA PHE F 13 -5.77 -36.04 -8.86
C PHE F 13 -4.53 -35.28 -9.23
N SER F 14 -3.38 -35.95 -9.16
CA SER F 14 -2.13 -35.30 -9.49
C SER F 14 -2.10 -34.89 -10.96
N ILE F 15 -2.68 -35.74 -11.79
CA ILE F 15 -2.80 -35.45 -13.21
C ILE F 15 -3.66 -34.21 -13.47
N ARG F 16 -4.83 -34.13 -12.84
CA ARG F 16 -5.67 -32.93 -12.97
C ARG F 16 -5.04 -31.65 -12.44
N SER F 17 -4.39 -31.75 -11.31
CA SER F 17 -3.76 -30.63 -10.65
C SER F 17 -2.60 -30.16 -11.55
N PHE F 18 -1.86 -31.11 -12.12
CA PHE F 18 -0.73 -30.76 -12.99
C PHE F 18 -1.23 -30.01 -14.22
N ALA F 19 -2.31 -30.48 -14.84
CA ALA F 19 -2.92 -29.78 -16.00
C ALA F 19 -3.30 -28.32 -15.71
N THR F 20 -3.82 -28.06 -14.52
CA THR F 20 -4.14 -26.68 -14.13
C THR F 20 -2.88 -25.84 -13.99
N GLN F 21 -1.88 -26.42 -13.35
CA GLN F 21 -0.59 -25.73 -13.22
C GLN F 21 0.05 -25.38 -14.56
N VAL F 22 -0.01 -26.31 -15.52
CA VAL F 22 0.54 -26.04 -16.83
C VAL F 22 -0.15 -24.88 -17.53
N GLN F 23 -1.46 -24.75 -17.34
CA GLN F 23 -2.17 -23.62 -17.90
C GLN F 23 -1.69 -22.28 -17.37
N ASN F 24 -1.07 -22.27 -16.19
CA ASN F 24 -0.43 -21.10 -15.64
C ASN F 24 1.08 -21.02 -15.96
N SER F 26 4.28 -20.12 -18.57
CA SER F 26 4.67 -19.40 -19.79
C SER F 26 5.19 -20.38 -20.85
N HIS F 27 5.40 -19.86 -22.06
CA HIS F 27 6.02 -20.62 -23.15
C HIS F 27 7.31 -21.25 -22.69
N ASP F 28 8.19 -20.45 -22.11
CA ASP F 28 9.47 -20.95 -21.67
C ASP F 28 9.35 -21.95 -20.54
N GLN F 29 8.45 -21.73 -19.60
CA GLN F 29 8.37 -22.68 -18.52
C GLN F 29 7.88 -24.01 -19.05
N ALA F 30 6.81 -23.99 -19.86
CA ALA F 30 6.23 -25.22 -20.31
C ALA F 30 7.23 -26.00 -21.20
N LYS F 31 7.91 -25.30 -22.11
CA LYS F 31 8.88 -25.99 -22.98
C LYS F 31 10.10 -26.53 -22.25
N ASP F 32 10.63 -25.77 -21.30
CA ASP F 32 11.72 -26.26 -20.45
C ASP F 32 11.30 -27.46 -19.60
N PHE F 33 10.09 -27.42 -19.06
CA PHE F 33 9.56 -28.54 -18.30
C PHE F 33 9.41 -29.79 -19.16
N LEU F 34 8.91 -29.63 -20.38
CA LEU F 34 8.73 -30.75 -21.28
C LEU F 34 10.04 -31.47 -21.61
N VAL F 35 11.06 -30.71 -21.92
CA VAL F 35 12.35 -31.29 -22.22
C VAL F 35 12.98 -32.00 -21.01
N LYS F 36 12.86 -31.38 -19.82
CA LYS F 36 13.40 -32.03 -18.61
C LYS F 36 12.64 -33.30 -18.25
N LEU F 37 11.33 -33.28 -18.39
CA LEU F 37 10.50 -34.46 -18.18
C LEU F 37 10.84 -35.60 -19.12
N TYR F 38 10.97 -35.28 -20.41
CA TYR F 38 11.33 -36.30 -21.37
C TYR F 38 12.70 -36.90 -21.03
N GLU F 39 13.64 -36.05 -20.71
CA GLU F 39 15.00 -36.51 -20.40
C GLU F 39 14.93 -37.50 -19.22
N GLN F 40 14.19 -37.13 -18.15
CA GLN F 40 14.12 -37.98 -16.95
C GLN F 40 13.34 -39.28 -17.19
N VAL F 42 13.48 -40.84 -20.17
CA VAL F 42 14.46 -41.64 -20.86
C VAL F 42 15.41 -42.31 -19.84
N VAL F 43 15.84 -41.58 -18.81
CA VAL F 43 16.75 -42.14 -17.81
C VAL F 43 16.02 -43.24 -17.03
N ARG F 44 14.73 -43.02 -16.75
CA ARG F 44 13.96 -43.98 -15.97
C ARG F 44 13.75 -45.28 -16.73
N GLU F 45 13.70 -45.19 -18.07
CA GLU F 45 13.40 -46.34 -18.94
C GLU F 45 14.41 -47.48 -18.74
N ALA F 46 15.64 -47.12 -18.36
CA ALA F 46 16.69 -48.07 -18.00
C ALA F 46 16.39 -48.90 -16.76
N THR F 47 15.74 -48.32 -15.76
CA THR F 47 15.32 -49.07 -14.59
C THR F 47 14.23 -50.06 -15.02
N TYR F 48 13.34 -49.59 -15.89
CA TYR F 48 12.24 -50.43 -16.34
C TYR F 48 12.77 -51.64 -17.11
N GLN F 49 13.72 -51.39 -18.00
CA GLN F 49 14.34 -52.44 -18.81
C GLN F 49 15.09 -53.47 -17.98
N GLU F 50 15.69 -53.05 -16.86
CA GLU F 50 16.39 -53.96 -15.98
C GLU F 50 15.48 -54.97 -15.24
N LEU F 51 14.31 -54.54 -14.78
CA LEU F 51 13.26 -55.45 -14.30
C LEU F 51 12.78 -56.42 -15.39
N LEU F 52 12.64 -55.93 -16.62
CA LEU F 52 12.05 -56.71 -17.70
C LEU F 52 12.95 -57.83 -18.25
N LYS F 53 14.24 -57.83 -17.89
CA LYS F 53 15.14 -58.92 -18.29
C LYS F 53 14.81 -60.25 -17.61
N HIS F 54 14.85 -60.27 -16.27
CA HIS F 54 14.62 -61.47 -15.48
C HIS F 54 15.72 -62.52 -15.72
N PRO G 4 -18.47 -8.85 27.51
CA PRO G 4 -19.43 -7.95 28.22
C PRO G 4 -20.02 -8.61 29.48
N ILE G 5 -19.91 -7.94 30.63
CA ILE G 5 -20.32 -8.48 31.94
C ILE G 5 -21.84 -8.42 32.11
N GLU G 6 -22.41 -9.40 32.83
CA GLU G 6 -23.86 -9.44 33.13
C GLU G 6 -24.24 -8.56 34.33
N LEU G 7 -25.11 -7.61 34.09
CA LEU G 7 -25.44 -6.59 35.08
C LEU G 7 -26.66 -6.99 35.85
N SER G 8 -26.70 -6.68 37.14
CA SER G 8 -27.88 -6.87 37.96
C SER G 8 -28.94 -5.86 37.52
N LEU G 9 -30.18 -6.12 37.92
CA LEU G 9 -31.27 -5.24 37.51
C LEU G 9 -31.08 -3.81 38.05
N GLU G 10 -30.60 -3.67 39.30
CA GLU G 10 -30.27 -2.35 39.81
C GLU G 10 -29.21 -1.62 39.01
N GLN G 11 -28.16 -2.35 38.60
CA GLN G 11 -27.08 -1.78 37.80
C GLN G 11 -27.58 -1.34 36.41
N GLN G 12 -28.48 -2.14 35.81
CA GLN G 12 -29.11 -1.79 34.54
C GLN G 12 -29.88 -0.47 34.65
N PHE G 13 -30.62 -0.31 35.73
CA PHE G 13 -31.45 0.88 35.92
C PHE G 13 -30.54 2.11 36.06
N SER G 14 -29.45 1.98 36.84
CA SER G 14 -28.58 3.11 37.17
C SER G 14 -27.89 3.58 35.89
N ILE G 15 -27.43 2.61 35.09
CA ILE G 15 -26.71 2.89 33.86
C ILE G 15 -27.64 3.51 32.86
N ARG G 16 -28.86 3.00 32.75
CA ARG G 16 -29.86 3.66 31.95
C ARG G 16 -30.14 5.11 32.36
N SER G 17 -30.29 5.42 33.66
CA SER G 17 -30.51 6.78 34.15
C SER G 17 -29.36 7.67 33.71
N PHE G 18 -28.14 7.13 33.81
CA PHE G 18 -26.98 7.88 33.41
C PHE G 18 -26.94 8.04 31.90
N ALA G 19 -27.26 7.01 31.10
CA ALA G 19 -27.23 7.16 29.65
C ALA G 19 -28.17 8.24 29.08
N THR G 20 -29.38 8.37 29.67
CA THR G 20 -30.26 9.49 29.39
C THR G 20 -29.64 10.85 29.59
N GLN G 21 -28.93 11.01 30.71
CA GLN G 21 -28.21 12.26 30.96
C GLN G 21 -27.15 12.49 29.87
N VAL G 22 -26.31 11.49 29.62
CA VAL G 22 -25.19 11.61 28.67
C VAL G 22 -25.61 11.91 27.24
N GLN G 23 -26.64 11.24 26.73
CA GLN G 23 -27.01 11.46 25.35
C GLN G 23 -27.55 12.89 25.12
N ASN G 24 -27.87 13.62 26.19
CA ASN G 24 -28.22 15.04 26.12
C ASN G 24 -27.13 16.09 26.41
N SER G 26 -23.83 18.42 25.80
CA SER G 26 -23.10 19.04 24.68
C SER G 26 -21.68 18.46 24.62
N HIS G 27 -20.90 18.80 23.59
CA HIS G 27 -19.49 18.35 23.51
C HIS G 27 -18.69 18.72 24.75
N ASP G 28 -18.78 19.99 25.13
CA ASP G 28 -17.98 20.48 26.26
C ASP G 28 -18.41 19.90 27.57
N GLN G 29 -19.72 19.79 27.78
CA GLN G 29 -20.23 19.20 28.99
C GLN G 29 -19.79 17.77 29.17
N ALA G 30 -19.71 17.02 28.08
CA ALA G 30 -19.36 15.61 28.13
C ALA G 30 -17.88 15.41 28.46
N LYS G 31 -17.02 16.24 27.87
CA LYS G 31 -15.58 16.25 28.15
C LYS G 31 -15.31 16.61 29.62
N ASP G 32 -15.95 17.69 30.09
CA ASP G 32 -15.85 18.10 31.48
C ASP G 32 -16.34 17.03 32.44
N PHE G 33 -17.46 16.38 32.13
CA PHE G 33 -18.03 15.39 33.03
C PHE G 33 -17.06 14.23 33.09
N LEU G 34 -16.43 13.90 31.97
CA LEU G 34 -15.64 12.70 31.88
C LEU G 34 -14.38 12.82 32.74
N VAL G 35 -13.81 14.01 32.79
CA VAL G 35 -12.59 14.21 33.56
C VAL G 35 -12.99 14.17 35.04
N LYS G 36 -14.13 14.77 35.41
CA LYS G 36 -14.57 14.71 36.81
C LYS G 36 -14.91 13.31 37.27
N LEU G 37 -15.51 12.52 36.37
CA LEU G 37 -15.92 11.17 36.72
C LEU G 37 -14.69 10.27 36.88
N TYR G 38 -13.69 10.45 36.03
CA TYR G 38 -12.47 9.65 36.14
C TYR G 38 -11.77 9.95 37.45
N GLU G 39 -11.69 11.24 37.81
CA GLU G 39 -11.12 11.64 39.07
C GLU G 39 -11.84 10.98 40.24
N GLN G 40 -13.18 10.98 40.20
CA GLN G 40 -13.98 10.37 41.25
C GLN G 40 -13.73 8.86 41.31
N VAL G 42 -10.88 7.35 40.65
CA VAL G 42 -9.58 7.20 41.27
C VAL G 42 -9.67 7.45 42.80
N VAL G 43 -10.37 8.49 43.20
CA VAL G 43 -10.62 8.79 44.60
C VAL G 43 -11.32 7.61 45.27
N ARG G 44 -12.37 7.09 44.64
CA ARG G 44 -13.12 5.97 45.19
C ARG G 44 -12.25 4.72 45.34
N GLU G 45 -11.37 4.48 44.37
CA GLU G 45 -10.41 3.39 44.40
C GLU G 45 -9.43 3.50 45.56
N ALA G 46 -8.93 4.71 45.80
CA ALA G 46 -8.00 4.96 46.90
C ALA G 46 -8.75 4.72 48.20
N THR G 47 -10.02 5.11 48.24
CA THR G 47 -10.83 4.98 49.43
C THR G 47 -10.99 3.50 49.76
N TYR G 48 -11.33 2.68 48.77
CA TYR G 48 -11.60 1.28 49.02
C TYR G 48 -10.31 0.63 49.44
N GLN G 49 -9.18 1.01 48.86
CA GLN G 49 -7.88 0.49 49.27
C GLN G 49 -7.59 0.71 50.76
N GLU G 50 -7.97 1.89 51.29
CA GLU G 50 -7.78 2.21 52.69
C GLU G 50 -8.76 1.41 53.56
N LEU G 51 -10.00 1.25 53.13
CA LEU G 51 -10.97 0.36 53.81
C LEU G 51 -10.47 -1.08 53.87
N LEU G 52 -9.70 -1.51 52.86
CA LEU G 52 -9.16 -2.86 52.79
C LEU G 52 -7.94 -3.01 53.71
N LYS G 53 -7.11 -1.97 53.78
CA LYS G 53 -5.91 -2.00 54.60
C LYS G 53 -6.25 -1.98 56.09
N HIS G 54 -7.36 -1.34 56.43
CA HIS G 54 -7.88 -1.28 57.79
C HIS G 54 -8.90 -2.40 57.94
N GLN G 55 -8.37 -3.62 58.06
CA GLN G 55 -9.14 -4.85 58.18
C GLN G 55 -8.14 -6.00 58.23
N TRP G 56 -7.28 -6.08 57.22
CA TRP G 56 -6.16 -7.03 57.19
C TRP G 56 -4.87 -6.34 57.64
N ILE H 5 -8.93 11.80 51.53
CA ILE H 5 -7.86 10.85 51.17
C ILE H 5 -6.90 11.51 50.19
N GLU H 6 -5.61 11.32 50.39
CA GLU H 6 -4.58 11.89 49.53
C GLU H 6 -4.29 10.91 48.40
N LEU H 7 -4.12 11.43 47.19
CA LEU H 7 -3.78 10.62 46.03
C LEU H 7 -2.27 10.60 45.80
N SER H 8 -1.71 9.42 45.54
CA SER H 8 -0.35 9.31 45.05
C SER H 8 -0.05 10.15 43.81
N LEU H 9 1.23 10.46 43.61
CA LEU H 9 1.70 11.19 42.45
C LEU H 9 1.31 10.50 41.16
N GLU H 10 1.40 9.17 41.16
CA GLU H 10 1.07 8.34 40.01
C GLU H 10 -0.43 8.47 39.72
N GLN H 11 -1.26 8.47 40.76
CA GLN H 11 -2.70 8.65 40.59
C GLN H 11 -2.99 10.05 40.04
N GLN H 12 -2.29 11.07 40.54
CA GLN H 12 -2.47 12.43 40.06
C GLN H 12 -2.03 12.53 38.60
N PHE H 13 -0.89 11.90 38.29
CA PHE H 13 -0.35 11.80 36.93
C PHE H 13 -1.40 11.18 36.00
N SER H 14 -2.04 10.09 36.41
CA SER H 14 -3.06 9.36 35.62
C SER H 14 -4.24 10.30 35.24
N ILE H 15 -4.70 11.05 36.22
CA ILE H 15 -5.86 11.94 36.07
C ILE H 15 -5.49 13.06 35.08
N ARG H 16 -4.31 13.65 35.23
CA ARG H 16 -3.89 14.70 34.34
C ARG H 16 -3.68 14.17 32.92
N SER H 17 -3.06 13.01 32.78
CA SER H 17 -2.83 12.40 31.45
C SER H 17 -4.15 12.12 30.73
N PHE H 18 -5.09 11.55 31.45
CA PHE H 18 -6.44 11.26 30.94
C PHE H 18 -7.15 12.51 30.40
N ALA H 19 -7.08 13.61 31.14
CA ALA H 19 -7.71 14.86 30.72
C ALA H 19 -7.14 15.38 29.41
N THR H 20 -5.84 15.16 29.16
CA THR H 20 -5.23 15.56 27.92
C THR H 20 -5.86 14.82 26.76
N GLN H 21 -6.00 13.50 26.91
CA GLN H 21 -6.60 12.70 25.86
C GLN H 21 -8.09 13.04 25.67
N VAL H 22 -8.78 13.41 26.75
CA VAL H 22 -10.21 13.76 26.70
C VAL H 22 -10.37 14.99 25.83
N GLN H 23 -9.43 15.92 25.90
CA GLN H 23 -9.50 17.08 25.04
C GLN H 23 -9.40 16.82 23.52
N ASN H 24 -8.94 15.64 23.10
CA ASN H 24 -8.88 15.25 21.67
C ASN H 24 -10.09 14.41 21.17
N SER H 26 -13.89 13.55 20.08
CA SER H 26 -15.09 14.11 19.49
C SER H 26 -16.24 14.04 20.49
N HIS H 27 -17.37 14.63 20.11
CA HIS H 27 -18.57 14.60 20.91
C HIS H 27 -19.04 13.17 21.07
N ASP H 28 -19.15 12.42 19.98
CA ASP H 28 -19.58 11.02 20.07
C ASP H 28 -18.61 10.14 20.87
N GLN H 29 -17.33 10.23 20.58
CA GLN H 29 -16.32 9.53 21.38
C GLN H 29 -16.43 9.78 22.89
N ALA H 30 -16.59 11.04 23.29
CA ALA H 30 -16.73 11.41 24.70
C ALA H 30 -17.99 10.85 25.32
N LYS H 31 -19.09 10.88 24.59
CA LYS H 31 -20.33 10.33 25.14
C LYS H 31 -20.25 8.80 25.32
N ASP H 32 -19.71 8.11 24.32
CA ASP H 32 -19.52 6.65 24.36
C ASP H 32 -18.60 6.27 25.53
N PHE H 33 -17.48 6.98 25.70
CA PHE H 33 -16.53 6.68 26.78
C PHE H 33 -17.21 6.90 28.13
N LEU H 34 -17.97 7.98 28.27
CA LEU H 34 -18.65 8.28 29.52
C LEU H 34 -19.56 7.16 30.02
N VAL H 35 -20.42 6.64 29.15
CA VAL H 35 -21.31 5.56 29.54
C VAL H 35 -20.59 4.25 29.80
N LYS H 36 -19.55 3.97 29.02
CA LYS H 36 -18.71 2.81 29.31
C LYS H 36 -17.98 2.93 30.64
N LEU H 37 -17.45 4.11 30.94
CA LEU H 37 -16.66 4.33 32.11
C LEU H 37 -17.59 4.20 33.32
N TYR H 38 -18.81 4.75 33.25
CA TYR H 38 -19.77 4.65 34.35
C TYR H 38 -20.07 3.22 34.66
N GLU H 39 -20.32 2.44 33.61
CA GLU H 39 -20.59 1.02 33.76
C GLU H 39 -19.42 0.28 34.43
N GLN H 40 -18.19 0.60 34.04
CA GLN H 40 -17.03 0.01 34.65
C GLN H 40 -16.98 0.32 36.15
N VAL H 42 -19.56 1.12 38.17
CA VAL H 42 -20.64 0.44 38.87
C VAL H 42 -20.24 -1.00 39.16
N VAL H 43 -19.60 -1.65 38.21
CA VAL H 43 -19.26 -3.06 38.37
C VAL H 43 -18.09 -3.19 39.37
N ARG H 44 -17.13 -2.27 39.26
CA ARG H 44 -15.96 -2.30 40.11
C ARG H 44 -16.34 -2.04 41.56
N GLU H 45 -17.27 -1.12 41.77
CA GLU H 45 -17.76 -0.80 43.12
C GLU H 45 -18.43 -2.04 43.72
N ALA H 46 -19.20 -2.79 42.91
CA ALA H 46 -19.81 -4.01 43.41
C ALA H 46 -18.78 -5.08 43.83
N THR H 47 -17.73 -5.19 43.05
CA THR H 47 -16.62 -6.10 43.30
C THR H 47 -15.93 -5.78 44.59
N TYR H 48 -15.63 -4.50 44.81
CA TYR H 48 -15.04 -4.06 46.07
C TYR H 48 -15.95 -4.31 47.27
N GLN H 49 -17.24 -4.02 47.12
CA GLN H 49 -18.19 -4.22 48.21
C GLN H 49 -18.19 -5.69 48.71
N GLU H 50 -18.05 -6.60 47.75
CA GLU H 50 -18.00 -8.03 48.04
C GLU H 50 -16.72 -8.43 48.75
N LEU H 51 -15.59 -7.90 48.32
CA LEU H 51 -14.32 -8.13 49.01
C LEU H 51 -14.37 -7.63 50.49
N LEU H 52 -15.10 -6.55 50.73
CA LEU H 52 -15.19 -5.95 52.07
C LEU H 52 -16.18 -6.66 52.99
N LYS H 53 -17.10 -7.45 52.45
CA LYS H 53 -17.94 -8.34 53.27
C LYS H 53 -17.10 -9.57 53.65
N HIS H 54 -17.60 -10.38 54.59
CA HIS H 54 -16.86 -11.54 55.06
C HIS H 54 -17.78 -12.68 55.53
N PRO I 4 21.00 -40.80 1.88
CA PRO I 4 19.87 -39.84 1.65
C PRO I 4 18.58 -40.57 1.23
N ILE I 5 17.43 -39.87 1.24
CA ILE I 5 16.16 -40.44 0.77
C ILE I 5 15.96 -40.10 -0.71
N GLU I 6 15.54 -41.06 -1.53
CA GLU I 6 15.38 -40.80 -2.97
C GLU I 6 13.94 -40.40 -3.32
N LEU I 7 13.78 -39.26 -4.01
CA LEU I 7 12.45 -38.84 -4.49
C LEU I 7 12.05 -39.60 -5.79
N SER I 8 10.81 -40.00 -5.89
CA SER I 8 10.29 -40.52 -7.13
C SER I 8 10.30 -39.44 -8.22
N LEU I 9 10.18 -39.86 -9.48
CA LEU I 9 9.94 -38.92 -10.55
C LEU I 9 8.80 -37.98 -10.26
N GLU I 10 7.69 -38.53 -9.75
CA GLU I 10 6.52 -37.67 -9.48
C GLU I 10 6.85 -36.59 -8.45
N GLN I 11 7.57 -36.98 -7.41
CA GLN I 11 8.00 -36.03 -6.39
C GLN I 11 8.94 -34.94 -6.91
N GLN I 12 9.91 -35.33 -7.73
CA GLN I 12 10.87 -34.38 -8.31
C GLN I 12 10.10 -33.40 -9.20
N PHE I 13 9.16 -33.88 -9.99
CA PHE I 13 8.39 -32.98 -10.86
C PHE I 13 7.33 -32.16 -10.16
N SER I 14 6.91 -32.55 -8.95
CA SER I 14 6.00 -31.73 -8.18
C SER I 14 6.74 -30.51 -7.66
N ILE I 15 8.03 -30.71 -7.28
CA ILE I 15 8.87 -29.60 -6.86
C ILE I 15 9.06 -28.62 -7.99
N ARG I 16 9.32 -29.16 -9.17
CA ARG I 16 9.51 -28.33 -10.34
C ARG I 16 8.23 -27.59 -10.73
N SER I 17 7.09 -28.27 -10.72
CA SER I 17 5.84 -27.61 -11.00
C SER I 17 5.53 -26.49 -9.98
N PHE I 18 5.67 -26.79 -8.71
CA PHE I 18 5.54 -25.76 -7.68
C PHE I 18 6.41 -24.56 -7.92
N ALA I 19 7.67 -24.76 -8.28
CA ALA I 19 8.57 -23.66 -8.55
C ALA I 19 8.03 -22.73 -9.67
N THR I 20 7.41 -23.28 -10.72
CA THR I 20 6.83 -22.41 -11.77
C THR I 20 5.70 -21.57 -11.25
N GLN I 21 4.90 -22.13 -10.34
CA GLN I 21 3.77 -21.43 -9.75
C GLN I 21 4.29 -20.31 -8.84
N VAL I 22 5.33 -20.58 -8.05
CA VAL I 22 5.91 -19.56 -7.20
C VAL I 22 6.50 -18.40 -8.01
N GLN I 23 7.21 -18.75 -9.06
CA GLN I 23 7.83 -17.74 -9.89
C GLN I 23 6.75 -16.80 -10.42
N ASN I 24 5.53 -17.28 -10.62
CA ASN I 24 4.46 -16.50 -11.26
C ASN I 24 3.55 -15.76 -10.27
N SER I 26 2.63 -12.84 -7.42
CA SER I 26 2.93 -11.51 -6.94
C SER I 26 3.43 -11.58 -5.50
N HIS I 27 3.90 -10.44 -5.00
CA HIS I 27 4.32 -10.30 -3.61
C HIS I 27 3.22 -10.70 -2.63
N ASP I 28 2.03 -10.13 -2.78
CA ASP I 28 0.92 -10.44 -1.88
C ASP I 28 0.50 -11.91 -1.97
N GLN I 29 0.52 -12.44 -3.18
CA GLN I 29 0.12 -13.81 -3.44
C GLN I 29 1.09 -14.75 -2.75
N ALA I 30 2.40 -14.45 -2.81
CA ALA I 30 3.41 -15.29 -2.20
C ALA I 30 3.27 -15.33 -0.67
N LYS I 31 3.11 -14.17 -0.06
CA LYS I 31 2.87 -14.07 1.39
C LYS I 31 1.60 -14.81 1.84
N ASP I 32 0.50 -14.68 1.09
CA ASP I 32 -0.77 -15.32 1.45
C ASP I 32 -0.59 -16.85 1.32
N PHE I 33 0.02 -17.27 0.23
CA PHE I 33 0.21 -18.68 0.04
C PHE I 33 1.17 -19.32 1.07
N LEU I 34 2.15 -18.58 1.55
CA LEU I 34 3.13 -19.18 2.44
C LEU I 34 2.47 -19.59 3.76
N VAL I 35 1.53 -18.78 4.22
CA VAL I 35 0.73 -19.08 5.41
C VAL I 35 -0.12 -20.32 5.13
N LYS I 36 -0.74 -20.37 3.95
CA LYS I 36 -1.52 -21.55 3.57
C LYS I 36 -0.67 -22.81 3.48
N LEU I 37 0.56 -22.72 2.95
CA LEU I 37 1.45 -23.82 2.82
C LEU I 37 1.86 -24.39 4.17
N TYR I 38 2.18 -23.49 5.12
CA TYR I 38 2.45 -23.86 6.49
C TYR I 38 1.29 -24.66 7.10
N GLU I 39 0.08 -24.18 6.91
CA GLU I 39 -1.10 -24.87 7.43
C GLU I 39 -1.16 -26.31 6.86
N GLN I 40 -0.89 -26.47 5.57
CA GLN I 40 -0.96 -27.78 4.93
C GLN I 40 0.18 -28.67 5.41
N VAL I 42 1.33 -28.66 8.44
CA VAL I 42 0.91 -29.14 9.74
C VAL I 42 -0.16 -30.22 9.63
N VAL I 43 -1.09 -30.05 8.68
CA VAL I 43 -2.15 -31.02 8.45
C VAL I 43 -1.55 -32.33 7.95
N ARG I 44 -0.64 -32.26 6.98
CA ARG I 44 0.01 -33.47 6.46
C ARG I 44 0.86 -34.22 7.47
N GLU I 45 1.60 -33.47 8.29
CA GLU I 45 2.40 -34.05 9.37
C GLU I 45 1.51 -34.80 10.33
N ALA I 46 0.34 -34.24 10.64
CA ALA I 46 -0.60 -34.84 11.59
C ALA I 46 -1.11 -36.13 10.98
N THR I 47 -1.41 -36.13 9.69
CA THR I 47 -1.87 -37.32 8.98
C THR I 47 -0.86 -38.48 9.01
N TYR I 48 0.38 -38.18 8.64
CA TYR I 48 1.39 -39.23 8.59
C TYR I 48 1.70 -39.78 9.97
N GLN I 49 1.73 -38.92 10.98
CA GLN I 49 1.93 -39.38 12.36
C GLN I 49 0.80 -40.27 12.87
N GLU I 50 -0.43 -40.04 12.43
CA GLU I 50 -1.53 -40.94 12.72
C GLU I 50 -1.33 -42.28 12.03
N LEU I 51 -0.87 -42.23 10.79
CA LEU I 51 -0.63 -43.44 10.02
C LEU I 51 0.48 -44.31 10.70
N LEU I 52 1.42 -43.71 11.41
CA LEU I 52 2.47 -44.46 12.14
C LEU I 52 1.89 -45.31 13.27
N LYS I 53 0.86 -44.78 13.93
CA LYS I 53 0.11 -45.48 14.98
C LYS I 53 -0.70 -46.69 14.50
N HIS I 54 -0.93 -46.82 13.20
CA HIS I 54 -1.78 -47.89 12.66
C HIS I 54 -1.07 -48.95 11.84
N GLN I 55 0.24 -49.16 12.07
CA GLN I 55 1.01 -50.12 11.27
C GLN I 55 0.79 -51.58 11.66
N TRP I 56 0.18 -51.80 12.82
CA TRP I 56 -0.13 -53.13 13.35
C TRP I 56 -1.63 -53.49 13.33
N GLY I 57 -2.48 -52.59 12.85
CA GLY I 57 -3.88 -52.91 12.65
C GLY I 57 -4.05 -54.01 11.61
N LEU J 7 -7.10 -26.81 12.78
CA LEU J 7 -8.18 -27.36 13.66
C LEU J 7 -7.85 -27.14 15.14
N SER J 8 -6.76 -27.74 15.61
CA SER J 8 -6.36 -27.69 17.02
C SER J 8 -5.88 -26.31 17.49
N LEU J 9 -6.07 -25.99 18.78
CA LEU J 9 -5.72 -24.68 19.33
C LEU J 9 -4.22 -24.43 19.26
N GLU J 10 -3.46 -25.49 19.52
CA GLU J 10 -2.01 -25.43 19.43
C GLU J 10 -1.59 -25.18 17.97
N GLN J 11 -2.29 -25.81 17.04
CA GLN J 11 -1.97 -25.71 15.61
C GLN J 11 -2.24 -24.28 15.12
N GLN J 12 -3.40 -23.76 15.49
CA GLN J 12 -3.81 -22.43 15.14
C GLN J 12 -2.86 -21.37 15.69
N PHE J 13 -2.38 -21.53 16.93
CA PHE J 13 -1.45 -20.58 17.53
C PHE J 13 -0.14 -20.59 16.74
N SER J 14 0.30 -21.77 16.35
CA SER J 14 1.52 -21.94 15.59
C SER J 14 1.41 -21.30 14.20
N ILE J 15 0.27 -21.48 13.53
CA ILE J 15 0.03 -20.92 12.20
C ILE J 15 -0.06 -19.39 12.28
N ARG J 16 -0.68 -18.85 13.32
CA ARG J 16 -0.81 -17.40 13.43
C ARG J 16 0.55 -16.75 13.76
N SER J 17 1.37 -17.43 14.56
CA SER J 17 2.72 -16.95 14.90
C SER J 17 3.60 -16.91 13.63
N PHE J 18 3.47 -17.95 12.80
CA PHE J 18 4.15 -18.00 11.52
C PHE J 18 3.76 -16.85 10.61
N ALA J 19 2.47 -16.57 10.50
CA ALA J 19 1.96 -15.47 9.67
C ALA J 19 2.54 -14.12 10.05
N THR J 20 2.81 -13.93 11.35
CA THR J 20 3.45 -12.70 11.86
C THR J 20 4.86 -12.55 11.30
N GLN J 21 5.59 -13.65 11.21
CA GLN J 21 6.91 -13.66 10.55
C GLN J 21 6.82 -13.36 9.05
N VAL J 22 5.81 -13.92 8.39
CA VAL J 22 5.68 -13.78 6.94
C VAL J 22 5.37 -12.34 6.56
N GLN J 23 4.65 -11.65 7.44
CA GLN J 23 4.25 -10.27 7.20
C GLN J 23 5.42 -9.32 6.88
N ASN J 24 6.61 -9.56 7.42
CA ASN J 24 7.77 -8.70 7.20
C ASN J 24 8.75 -9.21 6.15
N SER J 26 10.16 -9.76 2.36
CA SER J 26 10.13 -9.24 1.01
C SER J 26 9.59 -10.27 0.01
N HIS J 27 9.37 -9.79 -1.20
CA HIS J 27 8.99 -10.65 -2.31
C HIS J 27 9.98 -11.81 -2.48
N ASP J 28 11.28 -11.55 -2.57
CA ASP J 28 12.25 -12.62 -2.74
C ASP J 28 12.41 -13.54 -1.53
N GLN J 29 12.36 -13.01 -0.32
CA GLN J 29 12.41 -13.87 0.88
C GLN J 29 11.20 -14.81 0.90
N ALA J 30 10.02 -14.30 0.56
CA ALA J 30 8.80 -15.12 0.54
C ALA J 30 8.87 -16.24 -0.47
N LYS J 31 9.32 -15.92 -1.67
CA LYS J 31 9.49 -16.90 -2.72
C LYS J 31 10.55 -17.94 -2.38
N ASP J 32 11.67 -17.52 -1.81
CA ASP J 32 12.72 -18.49 -1.45
C ASP J 32 12.21 -19.40 -0.35
N PHE J 33 11.43 -18.85 0.60
CA PHE J 33 10.95 -19.62 1.72
C PHE J 33 9.92 -20.64 1.20
N LEU J 34 9.02 -20.23 0.31
CA LEU J 34 8.04 -21.18 -0.26
C LEU J 34 8.72 -22.38 -0.87
N VAL J 35 9.70 -22.12 -1.73
CA VAL J 35 10.44 -23.19 -2.37
C VAL J 35 11.17 -24.11 -1.35
N LYS J 36 11.80 -23.55 -0.34
CA LYS J 36 12.53 -24.35 0.65
C LYS J 36 11.53 -25.16 1.50
N LEU J 37 10.40 -24.57 1.84
CA LEU J 37 9.43 -25.25 2.70
C LEU J 37 8.79 -26.41 1.93
N TYR J 38 8.44 -26.17 0.69
CA TYR J 38 7.85 -27.24 -0.09
C TYR J 38 8.81 -28.39 -0.34
N GLU J 39 10.09 -28.10 -0.62
CA GLU J 39 11.06 -29.22 -0.75
C GLU J 39 11.17 -30.07 0.53
N GLN J 40 11.20 -29.42 1.68
CA GLN J 40 11.24 -30.14 2.94
C GLN J 40 9.98 -30.97 3.17
N VAL J 42 8.12 -32.31 0.76
CA VAL J 42 8.17 -33.45 -0.14
C VAL J 42 9.16 -34.51 0.38
N VAL J 43 10.32 -34.07 0.90
CA VAL J 43 11.27 -34.98 1.49
C VAL J 43 10.68 -35.72 2.69
N ARG J 44 9.96 -35.00 3.54
CA ARG J 44 9.33 -35.58 4.72
C ARG J 44 8.26 -36.56 4.34
N GLU J 45 7.47 -36.25 3.30
CA GLU J 45 6.47 -37.16 2.76
C GLU J 45 7.12 -38.45 2.24
N ALA J 46 8.20 -38.34 1.46
CA ALA J 46 8.92 -39.50 0.96
C ALA J 46 9.46 -40.37 2.09
N THR J 47 9.91 -39.72 3.17
CA THR J 47 10.45 -40.40 4.35
C THR J 47 9.35 -41.18 5.09
N TYR J 48 8.20 -40.57 5.34
CA TYR J 48 7.06 -41.27 5.94
C TYR J 48 6.59 -42.43 5.03
N GLN J 49 6.51 -42.24 3.72
CA GLN J 49 6.13 -43.34 2.83
C GLN J 49 7.10 -44.53 2.94
N GLU J 50 8.40 -44.26 3.03
CA GLU J 50 9.41 -45.31 3.20
C GLU J 50 9.16 -46.09 4.50
N LEU J 51 8.97 -45.40 5.61
CA LEU J 51 8.72 -46.07 6.90
C LEU J 51 7.48 -46.92 6.84
N LEU J 52 6.46 -46.36 6.19
CA LEU J 52 5.15 -47.03 6.09
C LEU J 52 5.08 -48.22 5.17
N LYS J 53 6.11 -48.46 4.37
CA LYS J 53 6.22 -49.66 3.55
C LYS J 53 6.60 -50.90 4.35
N HIS J 54 7.16 -50.73 5.55
CA HIS J 54 7.70 -51.85 6.30
C HIS J 54 6.55 -52.79 6.70
N GLN J 55 6.75 -54.07 6.45
CA GLN J 55 5.77 -55.08 6.83
C GLN J 55 6.27 -55.70 8.13
N TRP J 56 5.52 -55.45 9.20
CA TRP J 56 5.89 -55.89 10.54
C TRP J 56 5.68 -57.40 10.78
N GLY J 57 6.55 -58.02 11.56
CA GLY J 57 6.38 -59.43 11.91
C GLY J 57 6.61 -60.41 10.79
N LEU K 7 -9.48 -0.25 -34.06
CA LEU K 7 -10.92 0.07 -34.31
C LEU K 7 -11.58 -0.98 -35.23
N SER K 8 -11.11 -1.07 -36.47
CA SER K 8 -11.67 -1.98 -37.47
C SER K 8 -11.53 -3.45 -37.08
N LEU K 9 -12.31 -4.31 -37.72
CA LEU K 9 -12.18 -5.75 -37.53
C LEU K 9 -10.81 -6.24 -37.93
N GLU K 10 -10.33 -5.69 -39.03
CA GLU K 10 -9.05 -6.08 -39.59
C GLU K 10 -7.94 -5.74 -38.58
N GLN K 11 -8.08 -4.63 -37.87
CA GLN K 11 -7.14 -4.21 -36.84
C GLN K 11 -7.29 -5.00 -35.56
N GLN K 12 -8.51 -5.33 -35.12
CA GLN K 12 -8.71 -6.22 -33.99
C GLN K 12 -8.07 -7.59 -34.25
N PHE K 13 -8.25 -8.09 -35.47
CA PHE K 13 -7.71 -9.41 -35.82
C PHE K 13 -6.18 -9.36 -35.87
N SER K 14 -5.62 -8.24 -36.31
CA SER K 14 -4.15 -8.09 -36.38
C SER K 14 -3.58 -8.00 -34.97
N ILE K 15 -4.26 -7.32 -34.05
CA ILE K 15 -3.79 -7.23 -32.66
C ILE K 15 -3.85 -8.60 -31.97
N ARG K 16 -4.94 -9.32 -32.12
CA ARG K 16 -5.07 -10.70 -31.61
C ARG K 16 -4.03 -11.66 -32.19
N SER K 17 -3.70 -11.61 -33.49
CA SER K 17 -2.67 -12.46 -34.06
C SER K 17 -1.32 -12.07 -33.47
N PHE K 18 -1.11 -10.78 -33.25
CA PHE K 18 0.10 -10.38 -32.57
C PHE K 18 0.19 -10.91 -31.14
N ALA K 19 -0.91 -10.91 -30.40
CA ALA K 19 -0.88 -11.46 -29.05
C ALA K 19 -0.52 -12.95 -29.06
N THR K 20 -0.96 -13.69 -30.08
CA THR K 20 -0.53 -15.07 -30.23
C THR K 20 0.95 -15.18 -30.50
N GLN K 21 1.49 -14.32 -31.35
CA GLN K 21 2.94 -14.29 -31.56
C GLN K 21 3.70 -13.99 -30.27
N VAL K 22 3.22 -13.05 -29.49
CA VAL K 22 3.87 -12.69 -28.23
C VAL K 22 3.84 -13.88 -27.25
N GLN K 23 2.71 -14.56 -27.21
CA GLN K 23 2.56 -15.72 -26.33
C GLN K 23 3.59 -16.79 -26.67
N ASN K 24 3.99 -16.82 -27.95
CA ASN K 24 4.93 -17.79 -28.49
C ASN K 24 6.38 -17.36 -28.45
N SER K 26 9.99 -16.48 -26.55
CA SER K 26 10.78 -16.62 -25.33
C SER K 26 10.86 -15.28 -24.62
N HIS K 27 11.24 -15.34 -23.35
CA HIS K 27 11.42 -14.10 -22.62
C HIS K 27 12.44 -13.19 -23.33
N ASP K 28 13.54 -13.76 -23.76
CA ASP K 28 14.59 -12.96 -24.41
C ASP K 28 14.11 -12.39 -25.74
N GLN K 29 13.44 -13.21 -26.53
CA GLN K 29 12.82 -12.68 -27.75
C GLN K 29 11.84 -11.55 -27.48
N ALA K 30 10.98 -11.64 -26.44
CA ALA K 30 10.00 -10.62 -26.16
C ALA K 30 10.68 -9.32 -25.77
N LYS K 31 11.73 -9.39 -24.95
CA LYS K 31 12.45 -8.19 -24.56
C LYS K 31 13.08 -7.52 -25.77
N ASP K 32 13.76 -8.33 -26.60
CA ASP K 32 14.41 -7.82 -27.81
C ASP K 32 13.42 -7.18 -28.76
N PHE K 33 12.27 -7.81 -28.94
CA PHE K 33 11.22 -7.28 -29.82
C PHE K 33 10.63 -6.00 -29.30
N LEU K 34 10.39 -5.98 -28.01
CA LEU K 34 9.84 -4.78 -27.39
C LEU K 34 10.71 -3.54 -27.54
N VAL K 35 12.00 -3.72 -27.34
CA VAL K 35 12.91 -2.61 -27.52
C VAL K 35 12.93 -2.10 -28.98
N LYS K 36 12.96 -3.04 -29.93
CA LYS K 36 12.91 -2.73 -31.34
C LYS K 36 11.64 -2.03 -31.74
N LEU K 37 10.51 -2.47 -31.19
CA LEU K 37 9.20 -1.91 -31.51
C LEU K 37 9.05 -0.50 -30.91
N TYR K 38 9.52 -0.29 -29.69
CA TYR K 38 9.62 1.06 -29.15
C TYR K 38 10.45 2.01 -30.02
N GLU K 39 11.63 1.57 -30.42
CA GLU K 39 12.44 2.38 -31.35
C GLU K 39 11.65 2.72 -32.61
N GLN K 40 10.96 1.72 -33.16
CA GLN K 40 10.17 1.94 -34.37
C GLN K 40 9.11 3.02 -34.10
N VAL K 42 9.14 5.49 -31.91
CA VAL K 42 9.80 6.78 -31.74
C VAL K 42 10.16 7.38 -33.12
N VAL K 43 10.71 6.53 -33.98
CA VAL K 43 11.12 6.92 -35.31
C VAL K 43 9.90 7.33 -36.11
N ARG K 44 8.80 6.56 -36.06
CA ARG K 44 7.58 6.89 -36.80
C ARG K 44 6.99 8.23 -36.38
N GLU K 45 6.89 8.43 -35.08
CA GLU K 45 6.45 9.69 -34.51
C GLU K 45 7.27 10.87 -34.94
N ALA K 46 8.59 10.75 -34.89
CA ALA K 46 9.47 11.83 -35.32
C ALA K 46 9.34 12.12 -36.81
N THR K 47 9.20 11.07 -37.62
CA THR K 47 9.09 11.24 -39.04
C THR K 47 7.80 11.96 -39.36
N TYR K 48 6.75 11.56 -38.65
CA TYR K 48 5.44 12.17 -38.85
C TYR K 48 5.48 13.64 -38.47
N GLN K 49 6.13 13.98 -37.36
CA GLN K 49 6.23 15.38 -36.98
C GLN K 49 6.95 16.19 -38.04
N GLU K 50 8.00 15.63 -38.63
CA GLU K 50 8.76 16.32 -39.65
C GLU K 50 7.91 16.54 -40.89
N LEU K 51 7.16 15.51 -41.31
CA LEU K 51 6.31 15.61 -42.49
C LEU K 51 5.17 16.61 -42.29
N LEU K 52 4.62 16.61 -41.08
CA LEU K 52 3.58 17.56 -40.68
C LEU K 52 4.01 19.02 -40.86
N LYS K 53 5.22 19.36 -40.42
CA LYS K 53 5.64 20.75 -40.33
C LYS K 53 6.09 21.28 -41.69
N HIS K 54 6.69 20.42 -42.51
CA HIS K 54 6.99 20.73 -43.90
C HIS K 54 5.72 21.09 -44.70
N GLN K 55 4.58 20.51 -44.33
CA GLN K 55 3.30 20.87 -44.92
C GLN K 55 2.87 22.31 -44.54
N TRP K 56 2.53 22.54 -43.27
CA TRP K 56 2.08 23.85 -42.81
C TRP K 56 3.26 24.76 -42.49
N ILE L 5 15.61 9.26 -40.34
CA ILE L 5 15.54 10.61 -39.70
C ILE L 5 16.51 10.70 -38.52
N GLU L 6 16.98 11.90 -38.21
CA GLU L 6 17.87 12.11 -37.09
C GLU L 6 17.06 12.36 -35.80
N LEU L 7 17.24 11.50 -34.80
CA LEU L 7 16.58 11.66 -33.50
C LEU L 7 17.27 12.70 -32.59
N SER L 8 16.52 13.49 -31.84
CA SER L 8 17.10 14.37 -30.82
C SER L 8 17.90 13.62 -29.74
N LEU L 9 18.72 14.33 -28.98
CA LEU L 9 19.48 13.68 -27.89
C LEU L 9 18.55 13.03 -26.90
N GLU L 10 17.50 13.75 -26.56
CA GLU L 10 16.37 13.25 -25.77
C GLU L 10 15.80 11.92 -26.31
N GLN L 11 15.44 11.85 -27.59
CA GLN L 11 14.82 10.67 -28.20
C GLN L 11 15.82 9.50 -28.19
N GLN L 12 17.06 9.73 -28.58
CA GLN L 12 18.04 8.61 -28.60
C GLN L 12 18.24 8.02 -27.18
N PHE L 13 18.38 8.90 -26.21
CA PHE L 13 18.65 8.43 -24.84
C PHE L 13 17.42 7.72 -24.30
N SER L 14 16.23 8.21 -24.71
CA SER L 14 14.98 7.56 -24.31
C SER L 14 14.90 6.08 -24.74
N ILE L 15 15.36 5.74 -25.94
CA ILE L 15 15.42 4.36 -26.39
C ILE L 15 16.38 3.52 -25.56
N ARG L 16 17.52 4.09 -25.19
CA ARG L 16 18.42 3.42 -24.29
C ARG L 16 17.89 3.20 -22.88
N SER L 17 17.29 4.22 -22.29
CA SER L 17 16.62 4.07 -20.99
C SER L 17 15.52 3.04 -20.99
N PHE L 18 14.69 3.08 -22.02
CA PHE L 18 13.61 2.11 -22.13
C PHE L 18 14.19 0.70 -22.17
N ALA L 19 15.26 0.45 -22.94
CA ALA L 19 15.88 -0.87 -22.95
C ALA L 19 16.34 -1.35 -21.58
N THR L 20 16.91 -0.46 -20.77
CA THR L 20 17.30 -0.86 -19.42
C THR L 20 16.08 -1.18 -18.58
N GLN L 21 15.04 -0.37 -18.70
CA GLN L 21 13.80 -0.60 -17.97
C GLN L 21 13.16 -1.96 -18.34
N VAL L 22 13.21 -2.31 -19.61
CA VAL L 22 12.69 -3.59 -20.07
C VAL L 22 13.44 -4.76 -19.45
N GLN L 23 14.76 -4.64 -19.31
CA GLN L 23 15.54 -5.67 -18.61
C GLN L 23 15.11 -5.84 -17.12
N ASN L 24 14.57 -4.78 -16.51
CA ASN L 24 14.06 -4.80 -15.14
C ASN L 24 12.56 -5.18 -15.05
N SER L 26 9.37 -7.94 -15.42
CA SER L 26 9.13 -9.39 -15.36
C SER L 26 8.72 -9.82 -16.77
N HIS L 27 8.75 -11.11 -17.00
CA HIS L 27 8.26 -11.69 -18.27
C HIS L 27 6.83 -11.23 -18.62
N ASP L 28 5.93 -11.28 -17.64
CA ASP L 28 4.53 -10.87 -17.89
C ASP L 28 4.39 -9.39 -18.11
N GLN L 29 5.13 -8.56 -17.37
CA GLN L 29 5.17 -7.12 -17.62
C GLN L 29 5.61 -6.83 -19.07
N ALA L 30 6.65 -7.47 -19.53
CA ALA L 30 7.16 -7.17 -20.85
C ALA L 30 6.17 -7.58 -21.93
N LYS L 31 5.60 -8.76 -21.77
CA LYS L 31 4.64 -9.26 -22.75
C LYS L 31 3.34 -8.43 -22.79
N ASP L 32 2.82 -8.06 -21.62
CA ASP L 32 1.68 -7.13 -21.53
C ASP L 32 2.00 -5.78 -22.18
N PHE L 33 3.20 -5.25 -21.94
CA PHE L 33 3.65 -3.98 -22.48
C PHE L 33 3.70 -4.08 -24.01
N LEU L 34 4.21 -5.20 -24.53
CA LEU L 34 4.38 -5.42 -25.96
C LEU L 34 3.04 -5.38 -26.69
N VAL L 35 2.05 -6.03 -26.11
CA VAL L 35 0.75 -6.11 -26.78
C VAL L 35 0.07 -4.73 -26.68
N LYS L 36 0.24 -4.03 -25.56
CA LYS L 36 -0.39 -2.71 -25.47
C LYS L 36 0.25 -1.69 -26.42
N LEU L 37 1.56 -1.70 -26.49
CA LEU L 37 2.33 -0.87 -27.42
C LEU L 37 1.88 -1.09 -28.84
N TYR L 38 1.74 -2.34 -29.26
CA TYR L 38 1.33 -2.68 -30.61
C TYR L 38 -0.09 -2.14 -30.89
N GLU L 39 -1.01 -2.41 -29.98
CA GLU L 39 -2.35 -1.88 -30.08
C GLU L 39 -2.34 -0.36 -30.29
N GLN L 40 -1.59 0.37 -29.47
CA GLN L 40 -1.65 1.83 -29.57
C GLN L 40 -0.97 2.37 -30.81
N VAL L 42 -1.13 0.71 -33.66
CA VAL L 42 -2.15 0.46 -34.66
C VAL L 42 -3.18 1.59 -34.69
N VAL L 43 -3.66 1.99 -33.52
CA VAL L 43 -4.57 3.12 -33.42
C VAL L 43 -3.97 4.38 -34.03
N ARG L 44 -2.70 4.64 -33.77
CA ARG L 44 -2.03 5.86 -34.22
C ARG L 44 -1.89 5.92 -35.74
N GLU L 45 -1.86 4.77 -36.37
CA GLU L 45 -1.78 4.70 -37.83
C GLU L 45 -2.82 5.49 -38.58
N ALA L 46 -4.02 5.61 -38.04
CA ALA L 46 -5.08 6.37 -38.70
C ALA L 46 -4.73 7.84 -38.86
N THR L 47 -4.09 8.40 -37.86
CA THR L 47 -3.55 9.73 -37.96
C THR L 47 -2.50 9.86 -39.07
N TYR L 48 -1.60 8.89 -39.17
CA TYR L 48 -0.53 8.98 -40.16
C TYR L 48 -1.14 8.89 -41.55
N GLN L 49 -2.11 8.01 -41.69
CA GLN L 49 -2.84 7.84 -42.96
C GLN L 49 -3.55 9.10 -43.46
N GLU L 50 -4.08 9.92 -42.55
CA GLU L 50 -4.74 11.18 -42.90
C GLU L 50 -3.80 12.18 -43.55
N LEU L 51 -2.56 12.22 -43.06
CA LEU L 51 -1.49 13.00 -43.70
C LEU L 51 -1.13 12.41 -45.08
N LEU L 52 -1.02 11.08 -45.17
CA LEU L 52 -0.57 10.42 -46.40
C LEU L 52 -1.57 10.41 -47.57
N LYS L 53 -2.83 10.80 -47.34
CA LYS L 53 -3.80 10.96 -48.42
C LYS L 53 -3.76 12.37 -49.05
N HIS L 54 -3.44 13.38 -48.25
CA HIS L 54 -3.33 14.76 -48.73
C HIS L 54 -2.14 14.96 -49.68
#